data_2JL4
#
_entry.id   2JL4
#
_cell.length_a   60.332
_cell.length_b   81.733
_cell.length_c   88.187
_cell.angle_alpha   90.00
_cell.angle_beta   90.00
_cell.angle_gamma   90.00
#
_symmetry.space_group_name_H-M   'P 21 21 21'
#
loop_
_entity.id
_entity.type
_entity.pdbx_description
1 polymer 'MALEYLPYRUVATE ISOMERASE'
2 non-polymer GLUTATHIONE
3 water water
#
_entity_poly.entity_id   1
_entity_poly.type   'polypeptide(L)'
_entity_poly.pdbx_seq_one_letter_code
;KMKLYNFWRSGTSHRLRIALNLKGVPYEYLAVHLGKEEHLKDAFKALNPQQLVPALDTGAQVLIQSPAIIEWLEEQYPTP
ALLPADADGRQRVRALAAIVGCDIHPINNRRILEYLRKTFGADEAAINAWCGTWISAGFDAYEALLAVDPKRGRYSFGDT
PTLADCYLVPQVESARRFQVDLTPYPLIRAVDAACGELDAFRRAAPAAQPDSA
;
_entity_poly.pdbx_strand_id   A,B
#
loop_
_chem_comp.id
_chem_comp.type
_chem_comp.name
_chem_comp.formula
GSH non-polymer GLUTATHIONE 'C10 H17 N3 O6 S'
#
# COMPACT_ATOMS: atom_id res chain seq x y z
N MET A 2 -19.31 11.35 12.64
CA MET A 2 -18.57 10.57 11.62
C MET A 2 -19.40 9.52 10.88
N LYS A 3 -19.20 9.44 9.57
CA LYS A 3 -19.93 8.50 8.73
C LYS A 3 -18.95 7.61 7.99
N LEU A 4 -19.08 6.30 8.18
CA LEU A 4 -18.19 5.36 7.48
C LEU A 4 -18.90 4.73 6.27
N TYR A 5 -18.46 5.13 5.07
CA TYR A 5 -18.96 4.57 3.83
C TYR A 5 -18.17 3.31 3.56
N ASN A 6 -18.82 2.17 3.68
CA ASN A 6 -18.11 0.91 3.56
C ASN A 6 -19.02 -0.27 3.20
N PHE A 7 -18.45 -1.47 3.23
CA PHE A 7 -19.12 -2.68 2.80
C PHE A 7 -18.71 -3.79 3.72
N TRP A 8 -19.64 -4.69 4.04
CA TRP A 8 -19.38 -5.68 5.08
C TRP A 8 -18.20 -6.61 4.80
N ARG A 9 -18.12 -7.18 3.60
CA ARG A 9 -17.03 -8.10 3.27
C ARG A 9 -15.78 -7.43 2.68
N SER A 10 -15.82 -6.12 2.48
CA SER A 10 -14.62 -5.38 2.07
C SER A 10 -13.51 -5.49 3.12
N GLY A 11 -12.34 -5.97 2.69
CA GLY A 11 -11.18 -6.14 3.56
C GLY A 11 -10.63 -4.83 4.15
N THR A 12 -10.56 -3.80 3.31
CA THR A 12 -10.16 -2.46 3.74
C THR A 12 -11.20 -1.83 4.68
N SER A 13 -12.49 -2.00 4.38
CA SER A 13 -13.56 -1.58 5.30
C SER A 13 -13.39 -2.20 6.69
N HIS A 14 -13.18 -3.52 6.69
CA HIS A 14 -12.94 -4.30 7.89
C HIS A 14 -11.72 -3.78 8.65
N ARG A 15 -10.64 -3.52 7.90
CA ARG A 15 -9.42 -2.94 8.45
C ARG A 15 -9.72 -1.64 9.22
N LEU A 16 -10.46 -0.74 8.57
CA LEU A 16 -10.78 0.55 9.17
C LEU A 16 -11.70 0.42 10.38
N ARG A 17 -12.67 -0.49 10.28
CA ARG A 17 -13.59 -0.80 11.37
C ARG A 17 -12.87 -1.21 12.64
N ILE A 18 -11.90 -2.11 12.52
CA ILE A 18 -11.07 -2.51 13.68
C ILE A 18 -10.39 -1.30 14.34
N ALA A 19 -9.74 -0.47 13.53
CA ALA A 19 -9.03 0.71 14.05
C ALA A 19 -9.96 1.68 14.77
N LEU A 20 -11.13 1.94 14.17
CA LEU A 20 -12.16 2.79 14.77
C LEU A 20 -12.68 2.20 16.09
N ASN A 21 -12.95 0.90 16.08
CA ASN A 21 -13.41 0.19 17.28
C ASN A 21 -12.38 0.19 18.42
N LEU A 22 -11.11 -0.04 18.08
CA LEU A 22 -10.00 -0.01 19.07
C LEU A 22 -9.83 1.36 19.72
N LYS A 23 -9.97 2.41 18.92
CA LYS A 23 -9.93 3.79 19.39
C LYS A 23 -11.25 4.18 20.08
N GLY A 24 -12.25 3.31 20.00
CA GLY A 24 -13.55 3.53 20.61
C GLY A 24 -14.24 4.75 20.06
N VAL A 25 -14.01 5.02 18.79
CA VAL A 25 -14.58 6.17 18.10
C VAL A 25 -15.92 5.77 17.46
N PRO A 26 -17.00 6.51 17.77
CA PRO A 26 -18.31 6.19 17.22
C PRO A 26 -18.52 6.71 15.79
N TYR A 27 -19.22 5.95 14.97
CA TYR A 27 -19.51 6.35 13.59
C TYR A 27 -20.85 5.81 13.12
N GLU A 28 -21.44 6.49 12.15
CA GLU A 28 -22.62 5.98 11.45
C GLU A 28 -22.19 5.05 10.29
N TYR A 29 -22.70 3.83 10.30
CA TYR A 29 -22.42 2.86 9.24
C TYR A 29 -23.30 3.15 8.03
N LEU A 30 -22.67 3.65 6.97
CA LEU A 30 -23.33 3.85 5.69
C LEU A 30 -22.85 2.82 4.67
N ALA A 31 -23.72 1.88 4.34
CA ALA A 31 -23.38 0.79 3.42
C ALA A 31 -23.30 1.23 1.94
N VAL A 32 -22.22 0.80 1.28
CA VAL A 32 -22.03 1.03 -0.14
C VAL A 32 -21.85 -0.35 -0.77
N HIS A 33 -22.90 -0.83 -1.44
CA HIS A 33 -22.94 -2.19 -1.93
C HIS A 33 -22.07 -2.40 -3.17
N LEU A 34 -20.93 -3.08 -2.99
CA LEU A 34 -19.99 -3.31 -4.09
C LEU A 34 -20.54 -4.28 -5.15
N GLY A 35 -21.30 -5.27 -4.70
CA GLY A 35 -21.90 -6.25 -5.62
C GLY A 35 -22.92 -5.60 -6.54
N LYS A 36 -23.64 -4.62 -6.00
CA LYS A 36 -24.59 -3.81 -6.78
C LYS A 36 -23.86 -2.68 -7.51
N GLU A 37 -22.55 -2.55 -7.25
CA GLU A 37 -21.70 -1.53 -7.90
C GLU A 37 -22.15 -0.09 -7.62
N GLU A 38 -22.66 0.13 -6.40
CA GLU A 38 -23.10 1.46 -5.96
C GLU A 38 -21.90 2.42 -5.91
N HIS A 39 -20.71 1.86 -5.73
CA HIS A 39 -19.46 2.64 -5.76
C HIS A 39 -19.08 3.13 -7.16
N LEU A 40 -19.62 2.51 -8.20
CA LEU A 40 -19.27 2.89 -9.58
C LEU A 40 -20.21 3.95 -10.15
N LYS A 41 -21.16 4.36 -9.32
CA LYS A 41 -22.14 5.39 -9.67
C LYS A 41 -21.63 6.79 -9.32
N ASP A 42 -22.06 7.77 -10.13
CA ASP A 42 -21.76 9.19 -9.92
C ASP A 42 -22.05 9.68 -8.51
N ALA A 43 -23.10 9.14 -7.89
CA ALA A 43 -23.44 9.51 -6.51
C ALA A 43 -22.30 9.26 -5.51
N PHE A 44 -21.57 8.15 -5.69
CA PHE A 44 -20.47 7.87 -4.78
C PHE A 44 -19.18 8.60 -5.18
N LYS A 45 -19.02 8.84 -6.47
CA LYS A 45 -17.89 9.61 -6.99
C LYS A 45 -17.85 11.02 -6.40
N ALA A 46 -19.01 11.58 -6.10
CA ALA A 46 -19.08 12.86 -5.39
C ALA A 46 -18.43 12.80 -4.00
N LEU A 47 -18.50 11.63 -3.34
CA LEU A 47 -17.88 11.43 -2.03
C LEU A 47 -16.41 11.03 -2.15
N ASN A 48 -16.14 10.07 -3.04
CA ASN A 48 -14.78 9.59 -3.28
C ASN A 48 -14.52 9.43 -4.79
N PRO A 49 -13.74 10.36 -5.36
CA PRO A 49 -13.44 10.35 -6.79
C PRO A 49 -12.79 9.06 -7.26
N GLN A 50 -12.04 8.39 -6.37
CA GLN A 50 -11.40 7.13 -6.72
C GLN A 50 -12.41 5.99 -6.84
N GLN A 51 -13.56 6.15 -6.19
CA GLN A 51 -14.67 5.20 -6.24
C GLN A 51 -14.30 3.83 -5.69
N LEU A 52 -13.68 3.85 -4.51
CA LEU A 52 -13.44 2.63 -3.72
C LEU A 52 -13.93 2.85 -2.28
N VAL A 53 -14.16 1.77 -1.55
CA VAL A 53 -14.42 1.89 -0.13
C VAL A 53 -13.14 1.50 0.64
N PRO A 54 -12.99 2.00 1.88
CA PRO A 54 -13.91 2.87 2.59
C PRO A 54 -13.66 4.37 2.37
N ALA A 55 -14.63 5.19 2.72
CA ALA A 55 -14.45 6.65 2.81
C ALA A 55 -15.00 7.09 4.15
N LEU A 56 -14.28 8.00 4.82
CA LEU A 56 -14.70 8.50 6.14
C LEU A 56 -15.06 10.00 6.12
N ASP A 57 -16.34 10.27 6.27
CA ASP A 57 -16.81 11.63 6.49
C ASP A 57 -16.64 11.95 7.97
N THR A 58 -15.75 12.90 8.28
CA THR A 58 -15.45 13.28 9.67
C THR A 58 -16.41 14.36 10.17
N GLY A 59 -17.38 14.71 9.35
CA GLY A 59 -18.29 15.80 9.66
C GLY A 59 -17.86 16.99 8.83
N ALA A 60 -16.56 17.28 8.88
CA ALA A 60 -15.97 18.44 8.22
C ALA A 60 -15.34 18.11 6.86
N GLN A 61 -14.95 16.85 6.68
CA GLN A 61 -14.27 16.40 5.44
C GLN A 61 -14.48 14.91 5.15
N VAL A 62 -14.39 14.55 3.87
CA VAL A 62 -14.39 13.14 3.48
C VAL A 62 -12.96 12.65 3.23
N LEU A 63 -12.55 11.71 4.07
CA LEU A 63 -11.23 11.09 4.00
C LEU A 63 -11.29 9.81 3.20
N ILE A 64 -10.28 9.62 2.35
CA ILE A 64 -10.12 8.38 1.59
C ILE A 64 -8.74 7.77 1.86
N GLN A 65 -8.56 6.51 1.44
CA GLN A 65 -7.34 5.71 1.67
C GLN A 65 -7.17 5.23 3.10
N SER A 66 -7.58 3.98 3.35
CA SER A 66 -7.56 3.40 4.69
C SER A 66 -6.19 3.46 5.39
N PRO A 67 -5.07 3.25 4.67
CA PRO A 67 -3.77 3.38 5.35
C PRO A 67 -3.54 4.78 5.92
N ALA A 68 -3.91 5.81 5.15
CA ALA A 68 -3.81 7.20 5.55
C ALA A 68 -4.79 7.55 6.67
N ILE A 69 -6.03 7.05 6.56
CA ILE A 69 -7.06 7.30 7.56
C ILE A 69 -6.64 6.73 8.92
N ILE A 70 -6.06 5.54 8.89
CA ILE A 70 -5.67 4.84 10.11
C ILE A 70 -4.48 5.55 10.78
N GLU A 71 -3.52 6.01 9.97
CA GLU A 71 -2.41 6.80 10.48
C GLU A 71 -2.95 8.11 11.07
N TRP A 72 -4.02 8.61 10.47
CA TRP A 72 -4.73 9.81 10.94
C TRP A 72 -5.37 9.57 12.31
N LEU A 73 -6.04 8.41 12.46
CA LEU A 73 -6.72 8.06 13.71
C LEU A 73 -5.72 7.91 14.85
N GLU A 74 -4.57 7.30 14.55
CA GLU A 74 -3.53 7.07 15.54
C GLU A 74 -3.02 8.40 16.12
N GLU A 75 -2.90 9.43 15.28
CA GLU A 75 -2.50 10.76 15.73
C GLU A 75 -3.65 11.49 16.44
N GLN A 76 -4.87 11.37 15.90
CA GLN A 76 -6.04 12.08 16.42
C GLN A 76 -6.55 11.52 17.73
N TYR A 77 -6.45 10.20 17.90
CA TYR A 77 -7.01 9.50 19.05
C TYR A 77 -5.92 8.62 19.63
N PRO A 78 -5.08 9.20 20.51
CA PRO A 78 -3.85 8.52 20.91
C PRO A 78 -4.04 7.22 21.67
N THR A 79 -5.13 7.09 22.44
CA THR A 79 -5.33 5.94 23.31
C THR A 79 -6.46 5.04 22.82
N PRO A 80 -6.22 3.72 22.73
CA PRO A 80 -4.92 3.03 22.92
C PRO A 80 -3.98 3.15 21.71
N ALA A 81 -2.68 3.25 21.99
CA ALA A 81 -1.67 3.38 20.95
C ALA A 81 -1.68 2.14 20.06
N LEU A 82 -1.80 2.36 18.75
CA LEU A 82 -1.74 1.29 17.76
C LEU A 82 -0.40 1.23 17.01
N LEU A 83 0.47 2.21 17.26
CA LEU A 83 1.86 2.19 16.78
C LEU A 83 2.77 2.35 17.99
N PRO A 84 3.88 1.58 18.03
CA PRO A 84 4.85 1.71 19.14
C PRO A 84 5.60 3.04 19.16
N ALA A 85 6.32 3.32 20.23
CA ALA A 85 6.91 4.64 20.44
C ALA A 85 8.24 4.84 19.74
N ASP A 86 8.97 3.73 19.55
CA ASP A 86 10.32 3.78 19.01
C ASP A 86 10.34 3.54 17.50
N ALA A 87 11.31 4.17 16.85
CA ALA A 87 11.46 4.17 15.38
C ALA A 87 11.56 2.78 14.76
N ASP A 88 12.41 1.93 15.33
CA ASP A 88 12.60 0.56 14.85
CA ASP A 88 12.59 0.55 14.87
C ASP A 88 11.29 -0.24 14.93
N GLY A 89 10.58 -0.11 16.07
CA GLY A 89 9.29 -0.74 16.26
C GLY A 89 8.23 -0.25 15.28
N ARG A 90 8.15 1.06 15.11
CA ARG A 90 7.25 1.69 14.14
CA ARG A 90 7.21 1.64 14.16
C ARG A 90 7.44 1.10 12.75
N GLN A 91 8.69 1.15 12.28
CA GLN A 91 9.06 0.68 10.96
C GLN A 91 8.62 -0.76 10.75
N ARG A 92 8.74 -1.58 11.79
CA ARG A 92 8.44 -3.00 11.69
C ARG A 92 6.95 -3.30 11.63
N VAL A 93 6.18 -2.58 12.46
CA VAL A 93 4.73 -2.63 12.40
C VAL A 93 4.24 -2.15 11.02
N ARG A 94 4.77 -1.02 10.56
CA ARG A 94 4.43 -0.48 9.25
C ARG A 94 4.74 -1.45 8.09
N ALA A 95 5.87 -2.15 8.18
CA ALA A 95 6.27 -3.14 7.16
C ALA A 95 5.32 -4.32 7.08
N LEU A 96 4.93 -4.85 8.24
CA LEU A 96 3.96 -5.95 8.30
C LEU A 96 2.64 -5.52 7.69
N ALA A 97 2.15 -4.35 8.07
CA ALA A 97 0.93 -3.79 7.51
C ALA A 97 1.05 -3.61 5.98
N ALA A 98 2.21 -3.14 5.52
CA ALA A 98 2.39 -2.90 4.08
C ALA A 98 2.48 -4.20 3.24
N ILE A 99 2.94 -5.30 3.82
CA ILE A 99 2.89 -6.60 3.14
C ILE A 99 1.44 -6.88 2.77
N VAL A 100 0.54 -6.76 3.73
CA VAL A 100 -0.90 -6.94 3.46
C VAL A 100 -1.47 -5.82 2.58
N GLY A 101 -1.21 -4.57 2.97
CA GLY A 101 -1.83 -3.40 2.36
C GLY A 101 -1.40 -3.09 0.94
N CYS A 102 -0.17 -3.45 0.60
CA CYS A 102 0.38 -3.22 -0.74
C CYS A 102 0.48 -4.51 -1.56
N ASP A 103 0.91 -5.60 -0.91
CA ASP A 103 1.36 -6.78 -1.64
C ASP A 103 0.39 -7.97 -1.61
N ILE A 104 -0.69 -7.85 -0.87
CA ILE A 104 -1.74 -8.87 -0.90
C ILE A 104 -3.08 -8.28 -1.32
N HIS A 105 -3.69 -7.47 -0.46
CA HIS A 105 -5.07 -7.06 -0.67
C HIS A 105 -5.36 -6.52 -2.08
N PRO A 106 -4.56 -5.55 -2.57
CA PRO A 106 -4.95 -4.91 -3.82
C PRO A 106 -4.97 -5.84 -5.03
N ILE A 107 -4.23 -6.95 -4.94
CA ILE A 107 -4.14 -7.91 -6.03
C ILE A 107 -5.42 -8.73 -6.19
N ASN A 108 -6.16 -8.88 -5.10
CA ASN A 108 -7.35 -9.73 -5.06
C ASN A 108 -8.66 -8.93 -5.07
N ASN A 109 -8.55 -7.62 -5.24
CA ASN A 109 -9.68 -6.69 -5.26
C ASN A 109 -10.68 -7.04 -6.36
N ARG A 110 -11.95 -6.73 -6.11
CA ARG A 110 -13.07 -7.01 -7.03
C ARG A 110 -12.81 -6.63 -8.50
N ARG A 111 -12.32 -5.41 -8.70
CA ARG A 111 -12.09 -4.87 -10.03
C ARG A 111 -11.09 -5.71 -10.81
N ILE A 112 -10.07 -6.20 -10.11
CA ILE A 112 -9.01 -7.05 -10.68
C ILE A 112 -9.58 -8.41 -11.11
N LEU A 113 -10.35 -9.03 -10.22
CA LEU A 113 -10.94 -10.34 -10.50
C LEU A 113 -11.92 -10.24 -11.65
N GLU A 114 -12.64 -9.13 -11.70
CA GLU A 114 -13.54 -8.82 -12.80
C GLU A 114 -12.80 -8.70 -14.12
N TYR A 115 -11.64 -8.04 -14.08
CA TYR A 115 -10.77 -7.94 -15.25
C TYR A 115 -10.33 -9.33 -15.72
N LEU A 116 -9.89 -10.18 -14.79
CA LEU A 116 -9.51 -11.58 -15.10
C LEU A 116 -10.67 -12.37 -15.74
N ARG A 117 -11.88 -12.20 -15.19
CA ARG A 117 -13.06 -12.85 -15.76
C ARG A 117 -13.30 -12.35 -17.18
N LYS A 118 -13.35 -11.03 -17.33
CA LYS A 118 -13.92 -10.43 -18.53
C LYS A 118 -12.94 -10.29 -19.71
N THR A 119 -11.65 -10.13 -19.39
CA THR A 119 -10.61 -10.00 -20.39
C THR A 119 -9.84 -11.31 -20.60
N PHE A 120 -9.63 -12.05 -19.53
CA PHE A 120 -8.88 -13.30 -19.63
C PHE A 120 -9.74 -14.54 -19.46
N GLY A 121 -11.06 -14.37 -19.33
CA GLY A 121 -12.01 -15.48 -19.30
C GLY A 121 -11.83 -16.44 -18.13
N ALA A 122 -11.19 -15.94 -17.07
CA ALA A 122 -10.98 -16.72 -15.85
C ALA A 122 -12.30 -17.20 -15.27
N ASP A 123 -12.33 -18.46 -14.89
CA ASP A 123 -13.48 -18.99 -14.15
C ASP A 123 -13.13 -18.99 -12.67
N GLU A 124 -14.07 -19.38 -11.81
CA GLU A 124 -13.88 -19.19 -10.37
C GLU A 124 -12.68 -19.94 -9.75
N ALA A 125 -12.42 -21.17 -10.21
CA ALA A 125 -11.25 -21.95 -9.78
C ALA A 125 -9.92 -21.22 -10.08
N ALA A 126 -9.85 -20.59 -11.25
CA ALA A 126 -8.70 -19.79 -11.64
C ALA A 126 -8.61 -18.52 -10.80
N ILE A 127 -9.77 -17.90 -10.53
CA ILE A 127 -9.85 -16.77 -9.59
C ILE A 127 -9.30 -17.16 -8.21
N ASN A 128 -9.75 -18.30 -7.68
CA ASN A 128 -9.28 -18.73 -6.37
C ASN A 128 -7.79 -19.07 -6.37
N ALA A 129 -7.30 -19.62 -7.48
CA ALA A 129 -5.88 -19.96 -7.60
C ALA A 129 -5.00 -18.70 -7.61
N TRP A 130 -5.50 -17.65 -8.29
CA TRP A 130 -4.91 -16.31 -8.28
C TRP A 130 -4.82 -15.74 -6.87
N CYS A 131 -5.97 -15.65 -6.20
CA CYS A 131 -6.04 -15.03 -4.88
C CYS A 131 -5.14 -15.73 -3.88
N GLY A 132 -5.13 -17.06 -3.90
CA GLY A 132 -4.27 -17.87 -3.03
C GLY A 132 -2.78 -17.67 -3.29
N THR A 133 -2.44 -17.38 -4.54
CA THR A 133 -1.05 -17.17 -4.91
C THR A 133 -0.44 -15.98 -4.18
N TRP A 134 -1.15 -14.86 -4.19
CA TRP A 134 -0.65 -13.64 -3.58
C TRP A 134 -0.76 -13.67 -2.05
N ILE A 135 -1.83 -14.26 -1.54
CA ILE A 135 -1.99 -14.48 -0.11
C ILE A 135 -0.89 -15.38 0.46
N SER A 136 -0.67 -16.54 -0.16
CA SER A 136 0.36 -17.46 0.30
C SER A 136 1.76 -16.83 0.26
N ALA A 137 2.07 -16.14 -0.84
CA ALA A 137 3.33 -15.40 -0.95
C ALA A 137 3.51 -14.33 0.15
N GLY A 138 2.48 -13.53 0.39
CA GLY A 138 2.50 -12.51 1.44
C GLY A 138 2.51 -13.10 2.84
N PHE A 139 1.70 -14.14 3.07
CA PHE A 139 1.67 -14.84 4.36
C PHE A 139 2.97 -15.59 4.67
N ASP A 140 3.63 -16.14 3.65
CA ASP A 140 4.97 -16.75 3.80
C ASP A 140 5.94 -15.76 4.44
N ALA A 141 5.94 -14.52 3.93
CA ALA A 141 6.85 -13.48 4.41
C ALA A 141 6.43 -12.95 5.77
N TYR A 142 5.12 -12.74 5.95
CA TYR A 142 4.54 -12.28 7.21
C TYR A 142 4.87 -13.29 8.31
N GLU A 143 4.56 -14.57 8.05
CA GLU A 143 4.79 -15.64 9.01
C GLU A 143 6.27 -15.74 9.37
N ALA A 144 7.14 -15.63 8.37
CA ALA A 144 8.60 -15.67 8.58
C ALA A 144 9.07 -14.57 9.54
N LEU A 145 8.41 -13.41 9.46
CA LEU A 145 8.77 -12.28 10.31
C LEU A 145 8.28 -12.45 11.75
N LEU A 146 7.11 -13.06 11.91
CA LEU A 146 6.59 -13.36 13.24
C LEU A 146 7.51 -14.34 13.96
N ALA A 147 8.10 -15.26 13.21
CA ALA A 147 8.95 -16.31 13.75
C ALA A 147 10.30 -15.80 14.28
N VAL A 148 10.79 -14.69 13.72
CA VAL A 148 12.12 -14.19 14.06
C VAL A 148 12.08 -13.07 15.09
N ASP A 149 10.89 -12.81 15.62
CA ASP A 149 10.70 -11.80 16.64
C ASP A 149 10.69 -12.47 18.02
N PRO A 150 11.76 -12.28 18.80
CA PRO A 150 11.92 -12.98 20.08
C PRO A 150 11.00 -12.43 21.18
N LYS A 151 10.79 -11.11 21.18
CA LYS A 151 10.00 -10.44 22.23
C LYS A 151 8.51 -10.31 21.91
N ARG A 152 8.05 -11.00 20.86
CA ARG A 152 6.65 -10.98 20.44
C ARG A 152 5.73 -11.75 21.41
N GLY A 153 4.58 -11.16 21.73
CA GLY A 153 3.55 -11.82 22.51
C GLY A 153 2.47 -12.46 21.66
N ARG A 154 1.22 -12.11 21.94
CA ARG A 154 0.06 -12.77 21.32
C ARG A 154 -0.27 -12.27 19.93
N TYR A 155 0.15 -11.04 19.63
CA TYR A 155 -0.25 -10.33 18.44
C TYR A 155 0.93 -10.19 17.47
N SER A 156 0.79 -9.37 16.43
CA SER A 156 1.83 -9.25 15.41
C SER A 156 3.13 -8.66 15.96
N PHE A 157 2.99 -7.70 16.87
CA PHE A 157 4.13 -7.00 17.46
C PHE A 157 3.80 -6.71 18.91
N GLY A 158 4.67 -7.16 19.81
CA GLY A 158 4.47 -6.98 21.25
C GLY A 158 3.30 -7.80 21.75
N ASP A 159 2.65 -7.34 22.81
CA ASP A 159 1.51 -8.04 23.38
C ASP A 159 0.28 -7.13 23.50
N THR A 160 0.28 -6.07 22.71
CA THR A 160 -0.92 -5.27 22.50
C THR A 160 -1.25 -5.26 21.00
N PRO A 161 -2.54 -5.14 20.64
CA PRO A 161 -2.90 -5.02 19.22
C PRO A 161 -2.37 -3.74 18.59
N THR A 162 -1.88 -3.85 17.35
CA THR A 162 -1.35 -2.73 16.60
C THR A 162 -2.03 -2.64 15.23
N LEU A 163 -1.66 -1.61 14.46
CA LEU A 163 -2.09 -1.41 13.08
CA LEU A 163 -2.23 -1.48 13.13
C LEU A 163 -1.89 -2.65 12.21
N ALA A 164 -0.79 -3.34 12.45
CA ALA A 164 -0.48 -4.55 11.69
C ALA A 164 -1.61 -5.58 11.83
N ASP A 165 -2.10 -5.77 13.05
CA ASP A 165 -3.23 -6.68 13.33
C ASP A 165 -4.50 -6.20 12.65
N CYS A 166 -4.66 -4.88 12.56
CA CYS A 166 -5.79 -4.29 11.81
C CYS A 166 -5.78 -4.68 10.35
N TYR A 167 -4.58 -4.88 9.78
CA TYR A 167 -4.42 -5.30 8.40
C TYR A 167 -4.51 -6.82 8.28
N LEU A 168 -3.89 -7.53 9.23
CA LEU A 168 -3.75 -8.98 9.17
C LEU A 168 -5.10 -9.70 9.23
N VAL A 169 -5.91 -9.37 10.22
CA VAL A 169 -7.17 -10.06 10.49
C VAL A 169 -8.18 -10.06 9.32
N PRO A 170 -8.44 -8.89 8.68
CA PRO A 170 -9.24 -8.87 7.45
C PRO A 170 -8.68 -9.76 6.33
N GLN A 171 -7.36 -9.85 6.25
CA GLN A 171 -6.69 -10.60 5.19
C GLN A 171 -6.86 -12.10 5.40
N VAL A 172 -6.72 -12.54 6.66
CA VAL A 172 -7.00 -13.92 7.07
C VAL A 172 -8.45 -14.31 6.77
N GLU A 173 -9.38 -13.39 7.02
CA GLU A 173 -10.81 -13.62 6.73
C GLU A 173 -11.03 -13.82 5.23
N SER A 174 -10.40 -12.95 4.45
CA SER A 174 -10.39 -13.03 2.99
C SER A 174 -9.78 -14.36 2.53
N ALA A 175 -8.64 -14.72 3.11
CA ALA A 175 -7.98 -15.99 2.79
C ALA A 175 -8.95 -17.16 2.96
N ARG A 176 -9.74 -17.13 4.03
CA ARG A 176 -10.76 -18.15 4.28
C ARG A 176 -11.92 -18.11 3.27
N ARG A 177 -12.29 -16.91 2.80
CA ARG A 177 -13.31 -16.77 1.76
C ARG A 177 -12.85 -17.38 0.44
N PHE A 178 -11.55 -17.24 0.15
CA PHE A 178 -10.97 -17.79 -1.07
C PHE A 178 -10.36 -19.19 -0.89
N GLN A 179 -10.77 -19.87 0.18
CA GLN A 179 -10.38 -21.26 0.43
C GLN A 179 -8.87 -21.47 0.51
N VAL A 180 -8.14 -20.48 0.99
CA VAL A 180 -6.69 -20.61 1.10
C VAL A 180 -6.36 -21.45 2.33
N ASP A 181 -5.62 -22.53 2.11
CA ASP A 181 -5.19 -23.41 3.18
C ASP A 181 -4.16 -22.72 4.07
N LEU A 182 -4.51 -22.54 5.35
CA LEU A 182 -3.66 -21.82 6.28
C LEU A 182 -2.88 -22.70 7.27
N THR A 183 -2.87 -24.01 7.03
CA THR A 183 -2.05 -24.94 7.82
C THR A 183 -0.60 -24.45 7.96
N PRO A 184 0.04 -23.98 6.85
CA PRO A 184 1.44 -23.55 6.96
C PRO A 184 1.68 -22.28 7.78
N TYR A 185 0.63 -21.65 8.31
CA TYR A 185 0.78 -20.39 9.04
C TYR A 185 0.24 -20.44 10.48
N PRO A 186 0.81 -21.33 11.34
CA PRO A 186 0.34 -21.39 12.72
C PRO A 186 0.41 -20.06 13.45
N LEU A 187 1.47 -19.29 13.22
CA LEU A 187 1.69 -18.03 13.96
C LEU A 187 0.67 -16.93 13.58
N ILE A 188 0.38 -16.82 12.29
CA ILE A 188 -0.66 -15.94 11.80
C ILE A 188 -2.02 -16.40 12.37
N ARG A 189 -2.25 -17.71 12.35
CA ARG A 189 -3.51 -18.27 12.88
C ARG A 189 -3.69 -18.01 14.37
N ALA A 190 -2.60 -18.07 15.14
CA ALA A 190 -2.62 -17.75 16.58
C ALA A 190 -2.83 -16.25 16.85
N VAL A 191 -2.22 -15.39 16.03
CA VAL A 191 -2.47 -13.94 16.12
C VAL A 191 -3.94 -13.63 15.85
N ASP A 192 -4.49 -14.23 14.79
CA ASP A 192 -5.87 -14.00 14.39
C ASP A 192 -6.85 -14.47 15.47
N ALA A 193 -6.58 -15.63 16.07
CA ALA A 193 -7.46 -16.20 17.11
C ALA A 193 -7.41 -15.34 18.38
N ALA A 194 -6.25 -14.78 18.67
CA ALA A 194 -6.08 -13.91 19.84
C ALA A 194 -6.83 -12.59 19.63
N CYS A 195 -6.75 -12.06 18.42
CA CYS A 195 -7.47 -10.84 18.07
C CYS A 195 -8.97 -11.07 18.14
N GLY A 196 -9.43 -12.24 17.69
CA GLY A 196 -10.87 -12.58 17.68
C GLY A 196 -11.50 -12.73 19.05
N GLU A 197 -10.68 -12.57 20.08
CA GLU A 197 -11.10 -12.66 21.47
C GLU A 197 -11.49 -11.27 21.98
N LEU A 198 -11.12 -10.25 21.22
CA LEU A 198 -11.29 -8.86 21.62
C LEU A 198 -12.55 -8.25 21.04
N ASP A 199 -13.31 -7.58 21.90
CA ASP A 199 -14.55 -6.91 21.51
C ASP A 199 -14.40 -6.05 20.25
N ALA A 200 -13.36 -5.23 20.22
CA ALA A 200 -13.09 -4.33 19.08
C ALA A 200 -13.04 -5.05 17.73
N PHE A 201 -12.39 -6.21 17.70
CA PHE A 201 -12.29 -7.01 16.47
C PHE A 201 -13.63 -7.69 16.13
N ARG A 202 -14.26 -8.28 17.14
CA ARG A 202 -15.56 -8.95 17.00
C ARG A 202 -16.65 -8.06 16.41
N ARG A 203 -16.70 -6.81 16.88
CA ARG A 203 -17.69 -5.84 16.39
C ARG A 203 -17.40 -5.41 14.95
N ALA A 204 -16.13 -5.52 14.56
CA ALA A 204 -15.67 -5.11 13.24
C ALA A 204 -15.81 -6.22 12.18
N ALA A 205 -15.96 -7.47 12.64
CA ALA A 205 -16.07 -8.63 11.74
C ALA A 205 -17.21 -8.43 10.72
N PRO A 206 -16.97 -8.82 9.44
CA PRO A 206 -17.97 -8.63 8.37
C PRO A 206 -19.36 -9.16 8.68
N ALA A 207 -19.43 -10.36 9.28
CA ALA A 207 -20.72 -11.00 9.61
C ALA A 207 -21.53 -10.25 10.67
N ALA A 208 -20.87 -9.38 11.43
CA ALA A 208 -21.53 -8.60 12.48
C ALA A 208 -22.06 -7.26 11.96
N GLN A 209 -21.86 -6.99 10.67
CA GLN A 209 -22.23 -5.70 10.06
C GLN A 209 -23.70 -5.60 9.62
N PRO A 210 -24.26 -4.37 9.58
CA PRO A 210 -25.69 -4.21 9.23
C PRO A 210 -26.09 -4.67 7.83
N ASP A 211 -25.18 -4.57 6.86
CA ASP A 211 -25.45 -5.01 5.49
C ASP A 211 -25.03 -6.45 5.20
N SER A 212 -24.79 -7.22 6.26
CA SER A 212 -24.43 -8.63 6.13
C SER A 212 -25.62 -9.51 5.76
N ALA A 213 -25.33 -10.62 5.07
CA ALA A 213 -26.35 -11.57 4.61
C ALA A 213 -27.09 -12.27 5.77
N MET B 2 24.98 2.34 5.15
CA MET B 2 23.71 2.01 4.47
C MET B 2 23.89 1.39 3.09
N LYS B 3 23.24 0.26 2.89
CA LYS B 3 23.29 -0.44 1.62
C LYS B 3 21.89 -0.61 1.07
N LEU B 4 21.67 -0.04 -0.11
CA LEU B 4 20.39 -0.15 -0.77
C LEU B 4 20.40 -1.29 -1.81
N TYR B 5 19.67 -2.35 -1.49
CA TYR B 5 19.47 -3.45 -2.42
C TYR B 5 18.27 -3.08 -3.28
N ASN B 6 18.53 -2.80 -4.56
CA ASN B 6 17.49 -2.31 -5.46
C ASN B 6 17.82 -2.56 -6.95
N PHE B 7 17.00 -2.00 -7.82
CA PHE B 7 17.06 -2.28 -9.24
C PHE B 7 16.72 -1.01 -9.97
N TRP B 8 17.39 -0.76 -11.10
CA TRP B 8 17.24 0.54 -11.77
C TRP B 8 15.81 0.87 -12.21
N ARG B 9 15.16 -0.05 -12.91
CA ARG B 9 13.82 0.24 -13.46
C ARG B 9 12.66 -0.01 -12.50
N SER B 10 12.96 -0.52 -11.31
CA SER B 10 11.94 -0.73 -10.27
C SER B 10 11.33 0.57 -9.74
N GLY B 11 10.01 0.68 -9.83
CA GLY B 11 9.27 1.80 -9.26
C GLY B 11 9.45 2.02 -7.75
N THR B 12 9.43 0.94 -6.98
CA THR B 12 9.63 1.03 -5.53
C THR B 12 11.07 1.38 -5.18
N SER B 13 12.02 0.87 -5.95
CA SER B 13 13.42 1.28 -5.79
C SER B 13 13.61 2.78 -6.07
N HIS B 14 13.03 3.23 -7.17
CA HIS B 14 13.10 4.62 -7.61
C HIS B 14 12.47 5.52 -6.53
N ARG B 15 11.37 5.05 -5.96
CA ARG B 15 10.68 5.71 -4.85
C ARG B 15 11.59 5.99 -3.64
N LEU B 16 12.27 4.94 -3.18
CA LEU B 16 13.14 5.04 -2.02
C LEU B 16 14.38 5.90 -2.32
N ARG B 17 14.89 5.79 -3.54
CA ARG B 17 16.01 6.61 -3.99
C ARG B 17 15.72 8.11 -3.92
N ILE B 18 14.52 8.52 -4.33
CA ILE B 18 14.14 9.93 -4.26
C ILE B 18 14.14 10.40 -2.80
N ALA B 19 13.52 9.60 -1.93
CA ALA B 19 13.45 9.94 -0.51
C ALA B 19 14.84 10.05 0.13
N LEU B 20 15.70 9.06 -0.14
CA LEU B 20 17.08 9.05 0.37
C LEU B 20 17.87 10.25 -0.13
N ASN B 21 17.71 10.58 -1.42
CA ASN B 21 18.40 11.71 -2.03
C ASN B 21 17.93 13.07 -1.50
N LEU B 22 16.64 13.18 -1.21
CA LEU B 22 16.06 14.40 -0.63
C LEU B 22 16.59 14.62 0.79
N LYS B 23 16.70 13.53 1.55
CA LYS B 23 17.30 13.56 2.88
C LYS B 23 18.82 13.69 2.83
N GLY B 24 19.41 13.51 1.64
CA GLY B 24 20.86 13.59 1.49
C GLY B 24 21.61 12.52 2.27
N VAL B 25 20.96 11.36 2.42
CA VAL B 25 21.54 10.25 3.15
C VAL B 25 22.40 9.42 2.20
N PRO B 26 23.68 9.23 2.53
CA PRO B 26 24.52 8.46 1.63
C PRO B 26 24.27 6.96 1.80
N TYR B 27 24.44 6.21 0.71
CA TYR B 27 24.20 4.77 0.71
C TYR B 27 24.97 4.12 -0.42
N GLU B 28 25.35 2.86 -0.22
CA GLU B 28 25.98 2.05 -1.24
C GLU B 28 24.89 1.39 -2.10
N TYR B 29 25.00 1.55 -3.41
CA TYR B 29 24.03 0.96 -4.36
C TYR B 29 24.38 -0.49 -4.64
N LEU B 30 23.52 -1.41 -4.20
CA LEU B 30 23.68 -2.84 -4.48
C LEU B 30 22.59 -3.36 -5.41
N ALA B 31 22.95 -3.57 -6.68
CA ALA B 31 21.99 -3.99 -7.71
C ALA B 31 21.49 -5.42 -7.48
N VAL B 32 20.18 -5.59 -7.62
CA VAL B 32 19.58 -6.90 -7.54
C VAL B 32 18.77 -6.96 -8.82
N HIS B 33 19.23 -7.81 -9.74
CA HIS B 33 18.73 -7.82 -11.10
C HIS B 33 17.48 -8.69 -11.18
N LEU B 34 16.34 -8.00 -11.34
CA LEU B 34 15.04 -8.66 -11.38
C LEU B 34 14.83 -9.52 -12.63
N GLY B 35 15.42 -9.10 -13.75
CA GLY B 35 15.27 -9.82 -15.02
C GLY B 35 15.96 -11.16 -14.96
N LYS B 36 17.08 -11.16 -14.25
CA LYS B 36 17.86 -12.37 -13.95
C LYS B 36 17.26 -13.12 -12.77
N GLU B 37 16.23 -12.56 -12.15
CA GLU B 37 15.54 -13.17 -11.00
C GLU B 37 16.46 -13.45 -9.79
N GLU B 38 17.47 -12.60 -9.60
CA GLU B 38 18.37 -12.71 -8.46
C GLU B 38 17.61 -12.56 -7.14
N HIS B 39 16.48 -11.86 -7.17
CA HIS B 39 15.62 -11.69 -5.98
C HIS B 39 14.92 -12.99 -5.61
N LEU B 40 14.83 -13.91 -6.58
CA LEU B 40 14.12 -15.18 -6.36
C LEU B 40 15.02 -16.30 -5.82
N LYS B 41 16.28 -15.95 -5.63
CA LYS B 41 17.30 -16.89 -5.12
C LYS B 41 17.40 -16.86 -3.60
N ASP B 42 17.79 -18.01 -3.04
CA ASP B 42 18.01 -18.18 -1.60
C ASP B 42 18.95 -17.14 -0.99
N ALA B 43 19.91 -16.66 -1.79
CA ALA B 43 20.86 -15.64 -1.34
C ALA B 43 20.18 -14.34 -0.95
N PHE B 44 19.20 -13.92 -1.75
CA PHE B 44 18.50 -12.67 -1.46
C PHE B 44 17.45 -12.85 -0.37
N LYS B 45 16.91 -14.06 -0.27
CA LYS B 45 15.95 -14.43 0.76
C LYS B 45 16.55 -14.27 2.15
N ALA B 46 17.86 -14.46 2.26
CA ALA B 46 18.57 -14.19 3.52
C ALA B 46 18.45 -12.73 3.96
N LEU B 47 18.39 -11.81 2.98
CA LEU B 47 18.26 -10.38 3.24
C LEU B 47 16.81 -9.93 3.41
N ASN B 48 15.95 -10.44 2.52
CA ASN B 48 14.52 -10.14 2.53
C ASN B 48 13.72 -11.41 2.28
N PRO B 49 13.06 -11.92 3.33
CA PRO B 49 12.19 -13.10 3.19
C PRO B 49 11.06 -12.93 2.17
N GLN B 50 10.61 -11.68 1.93
CA GLN B 50 9.54 -11.41 0.95
C GLN B 50 10.05 -11.49 -0.50
N GLN B 51 11.36 -11.36 -0.66
CA GLN B 51 12.05 -11.51 -1.94
C GLN B 51 11.59 -10.49 -2.97
N LEU B 52 11.48 -9.25 -2.50
CA LEU B 52 11.19 -8.13 -3.37
C LEU B 52 12.24 -7.04 -3.10
N VAL B 53 12.42 -6.13 -4.05
CA VAL B 53 13.24 -4.95 -3.79
C VAL B 53 12.29 -3.77 -3.55
N PRO B 54 12.75 -2.74 -2.82
CA PRO B 54 14.07 -2.62 -2.24
C PRO B 54 14.19 -3.17 -0.82
N ALA B 55 15.43 -3.34 -0.38
CA ALA B 55 15.74 -3.65 1.00
C ALA B 55 16.88 -2.73 1.39
N LEU B 56 16.75 -2.09 2.56
CA LEU B 56 17.77 -1.16 3.05
C LEU B 56 18.48 -1.69 4.29
N ASP B 57 19.75 -2.04 4.12
CA ASP B 57 20.61 -2.35 5.25
C ASP B 57 21.11 -1.03 5.84
N THR B 58 20.66 -0.74 7.06
CA THR B 58 21.02 0.52 7.73
C THR B 58 22.42 0.45 8.34
N GLY B 59 22.99 -0.76 8.37
CA GLY B 59 24.24 -1.03 9.03
C GLY B 59 23.96 -1.98 10.16
N ALA B 60 22.96 -1.61 10.97
CA ALA B 60 22.53 -2.40 12.11
C ALA B 60 21.48 -3.45 11.76
N GLN B 61 20.63 -3.13 10.79
CA GLN B 61 19.52 -4.02 10.41
C GLN B 61 19.13 -3.87 8.94
N VAL B 62 18.48 -4.90 8.38
CA VAL B 62 17.91 -4.84 7.04
C VAL B 62 16.41 -4.56 7.11
N LEU B 63 16.02 -3.42 6.53
CA LEU B 63 14.65 -2.95 6.53
C LEU B 63 14.00 -3.25 5.19
N ILE B 64 12.72 -3.59 5.23
CA ILE B 64 11.93 -3.88 4.02
C ILE B 64 10.69 -3.00 3.96
N GLN B 65 10.01 -2.99 2.80
CA GLN B 65 8.79 -2.20 2.55
C GLN B 65 9.08 -0.71 2.38
N SER B 66 9.12 -0.25 1.12
CA SER B 66 9.44 1.14 0.83
C SER B 66 8.58 2.13 1.64
N PRO B 67 7.25 1.89 1.74
CA PRO B 67 6.41 2.83 2.51
C PRO B 67 6.88 2.97 3.96
N ALA B 68 7.20 1.84 4.59
CA ALA B 68 7.67 1.79 5.97
C ALA B 68 9.07 2.37 6.12
N ILE B 69 9.93 2.11 5.14
CA ILE B 69 11.28 2.68 5.12
C ILE B 69 11.21 4.21 5.00
N ILE B 70 10.29 4.69 4.16
CA ILE B 70 10.22 6.12 3.87
C ILE B 70 9.64 6.92 5.04
N GLU B 71 8.68 6.30 5.73
CA GLU B 71 8.13 6.91 6.95
C GLU B 71 9.24 6.95 7.99
N TRP B 72 10.02 5.87 8.06
CA TRP B 72 11.20 5.76 8.95
C TRP B 72 12.24 6.88 8.68
N LEU B 73 12.49 7.15 7.40
CA LEU B 73 13.47 8.17 7.01
C LEU B 73 12.99 9.56 7.41
N GLU B 74 11.71 9.84 7.18
CA GLU B 74 11.08 11.11 7.59
C GLU B 74 11.30 11.40 9.08
N GLU B 75 11.17 10.38 9.92
CA GLU B 75 11.40 10.55 11.36
C GLU B 75 12.89 10.57 11.73
N GLN B 76 13.68 9.67 11.14
CA GLN B 76 15.11 9.57 11.47
C GLN B 76 15.90 10.78 10.97
N TYR B 77 15.46 11.38 9.87
CA TYR B 77 16.15 12.47 9.20
C TYR B 77 15.17 13.62 8.91
N PRO B 78 14.94 14.49 9.90
CA PRO B 78 13.87 15.50 9.80
C PRO B 78 13.96 16.47 8.62
N THR B 79 15.18 16.85 8.22
CA THR B 79 15.35 17.93 7.24
C THR B 79 15.85 17.39 5.90
N PRO B 80 15.17 17.77 4.79
CA PRO B 80 13.90 18.50 4.71
C PRO B 80 12.70 17.61 4.99
N ALA B 81 11.67 18.18 5.61
CA ALA B 81 10.44 17.46 5.93
C ALA B 81 9.73 17.03 4.65
N LEU B 82 9.40 15.74 4.59
CA LEU B 82 8.66 15.20 3.44
C LEU B 82 7.16 15.00 3.77
N LEU B 83 6.81 15.22 5.03
CA LEU B 83 5.41 15.23 5.46
C LEU B 83 5.13 16.55 6.15
N PRO B 84 3.97 17.17 5.86
CA PRO B 84 3.53 18.39 6.57
C PRO B 84 3.28 18.16 8.07
N ALA B 85 3.15 19.25 8.82
CA ALA B 85 3.07 19.17 10.28
C ALA B 85 1.66 18.99 10.83
N ASP B 86 0.66 19.38 10.05
CA ASP B 86 -0.72 19.34 10.49
C ASP B 86 -1.44 18.08 10.00
N ALA B 87 -2.28 17.54 10.89
CA ALA B 87 -3.07 16.33 10.68
C ALA B 87 -3.74 16.18 9.31
N ASP B 88 -4.50 17.21 8.91
CA ASP B 88 -5.23 17.20 7.64
CA ASP B 88 -5.23 17.23 7.64
C ASP B 88 -4.28 17.07 6.44
N GLY B 89 -3.18 17.83 6.45
CA GLY B 89 -2.15 17.75 5.40
C GLY B 89 -1.45 16.41 5.34
N ARG B 90 -1.08 15.88 6.51
CA ARG B 90 -0.46 14.56 6.59
CA ARG B 90 -0.47 14.55 6.63
C ARG B 90 -1.35 13.50 5.95
N GLN B 91 -2.64 13.52 6.30
CA GLN B 91 -3.60 12.54 5.81
C GLN B 91 -3.73 12.60 4.28
N ARG B 92 -3.66 13.80 3.73
CA ARG B 92 -3.85 13.98 2.29
C ARG B 92 -2.63 13.53 1.48
N VAL B 93 -1.45 13.92 1.95
CA VAL B 93 -0.19 13.45 1.37
C VAL B 93 -0.12 11.91 1.44
N ARG B 94 -0.44 11.34 2.60
CA ARG B 94 -0.44 9.89 2.76
C ARG B 94 -1.45 9.19 1.85
N ALA B 95 -2.61 9.81 1.61
CA ALA B 95 -3.64 9.26 0.73
C ALA B 95 -3.22 9.25 -0.74
N LEU B 96 -2.61 10.37 -1.16
CA LEU B 96 -2.07 10.48 -2.52
C LEU B 96 -0.98 9.46 -2.75
N ALA B 97 -0.09 9.29 -1.76
CA ALA B 97 0.94 8.26 -1.82
C ALA B 97 0.32 6.87 -1.93
N ALA B 98 -0.72 6.62 -1.13
CA ALA B 98 -1.33 5.30 -1.07
C ALA B 98 -2.13 4.93 -2.33
N ILE B 99 -2.58 5.93 -3.08
CA ILE B 99 -3.17 5.67 -4.39
C ILE B 99 -2.15 4.99 -5.29
N VAL B 100 -0.91 5.49 -5.28
CA VAL B 100 0.16 4.86 -6.05
C VAL B 100 0.62 3.55 -5.40
N GLY B 101 0.93 3.62 -4.11
CA GLY B 101 1.60 2.54 -3.39
C GLY B 101 0.75 1.29 -3.20
N CYS B 102 -0.56 1.49 -3.08
CA CYS B 102 -1.50 0.38 -2.88
C CYS B 102 -2.25 0.02 -4.17
N ASP B 103 -2.72 1.05 -4.87
CA ASP B 103 -3.74 0.89 -5.90
C ASP B 103 -3.25 0.92 -7.36
N ILE B 104 -1.99 1.28 -7.58
CA ILE B 104 -1.39 1.25 -8.91
C ILE B 104 -0.20 0.29 -8.97
N HIS B 105 0.91 0.67 -8.33
CA HIS B 105 2.12 -0.11 -8.48
C HIS B 105 1.97 -1.63 -8.27
N PRO B 106 1.38 -2.08 -7.14
CA PRO B 106 1.43 -3.55 -6.93
C PRO B 106 0.75 -4.37 -8.04
N ILE B 107 -0.21 -3.76 -8.74
CA ILE B 107 -0.97 -4.43 -9.78
C ILE B 107 -0.15 -4.69 -11.06
N ASN B 108 0.93 -3.96 -11.24
CA ASN B 108 1.70 -3.99 -12.47
C ASN B 108 3.09 -4.58 -12.23
N ASN B 109 3.27 -5.12 -11.03
CA ASN B 109 4.52 -5.73 -10.59
C ASN B 109 4.88 -6.90 -11.51
N ARG B 110 6.17 -7.15 -11.65
CA ARG B 110 6.70 -8.22 -12.52
C ARG B 110 6.01 -9.58 -12.29
N ARG B 111 5.86 -9.97 -11.03
CA ARG B 111 5.32 -11.28 -10.68
C ARG B 111 3.91 -11.44 -11.20
N ILE B 112 3.16 -10.34 -11.20
CA ILE B 112 1.78 -10.33 -11.65
C ILE B 112 1.75 -10.51 -13.16
N LEU B 113 2.56 -9.72 -13.86
CA LEU B 113 2.56 -9.75 -15.32
C LEU B 113 3.04 -11.12 -15.81
N GLU B 114 3.94 -11.73 -15.05
CA GLU B 114 4.40 -13.08 -15.32
C GLU B 114 3.29 -14.11 -15.16
N TYR B 115 2.47 -13.93 -14.12
CA TYR B 115 1.28 -14.76 -13.89
C TYR B 115 0.32 -14.65 -15.08
N LEU B 116 0.04 -13.43 -15.52
CA LEU B 116 -0.83 -13.18 -16.67
C LEU B 116 -0.29 -13.83 -17.95
N ARG B 117 1.02 -13.83 -18.12
CA ARG B 117 1.65 -14.46 -19.26
C ARG B 117 1.54 -15.99 -19.17
N LYS B 118 1.97 -16.54 -18.04
CA LYS B 118 2.14 -17.99 -17.93
C LYS B 118 0.86 -18.76 -17.62
N THR B 119 -0.05 -18.13 -16.87
CA THR B 119 -1.33 -18.76 -16.55
C THR B 119 -2.47 -18.31 -17.49
N PHE B 120 -2.46 -17.04 -17.90
CA PHE B 120 -3.57 -16.53 -18.70
C PHE B 120 -3.21 -16.28 -20.18
N GLY B 121 -1.98 -16.64 -20.54
CA GLY B 121 -1.52 -16.64 -21.93
C GLY B 121 -1.36 -15.26 -22.54
N ALA B 122 -1.33 -14.23 -21.68
CA ALA B 122 -1.30 -12.83 -22.13
C ALA B 122 -0.08 -12.50 -22.98
N ASP B 123 -0.31 -11.85 -24.11
CA ASP B 123 0.83 -11.34 -24.90
C ASP B 123 1.13 -9.92 -24.45
N GLU B 124 2.12 -9.28 -25.06
CA GLU B 124 2.55 -7.96 -24.58
C GLU B 124 1.50 -6.83 -24.69
N ALA B 125 0.71 -6.84 -25.75
CA ALA B 125 -0.40 -5.87 -25.91
C ALA B 125 -1.44 -5.98 -24.78
N ALA B 126 -1.74 -7.20 -24.35
CA ALA B 126 -2.67 -7.44 -23.26
C ALA B 126 -2.03 -7.04 -21.93
N ILE B 127 -0.72 -7.25 -21.80
CA ILE B 127 0.05 -6.77 -20.64
C ILE B 127 -0.02 -5.23 -20.53
N ASN B 128 0.21 -4.53 -21.65
CA ASN B 128 0.19 -3.07 -21.64
C ASN B 128 -1.22 -2.53 -21.41
N ALA B 129 -2.24 -3.26 -21.86
CA ALA B 129 -3.63 -2.83 -21.69
C ALA B 129 -4.04 -2.91 -20.21
N TRP B 130 -3.52 -3.95 -19.54
CA TRP B 130 -3.66 -4.19 -18.10
C TRP B 130 -3.01 -3.10 -17.26
N CYS B 131 -1.76 -2.81 -17.56
CA CYS B 131 -1.03 -1.79 -16.83
C CYS B 131 -1.66 -0.42 -17.01
N GLY B 132 -2.06 -0.12 -18.24
CA GLY B 132 -2.72 1.14 -18.53
C GLY B 132 -4.05 1.31 -17.81
N THR B 133 -4.77 0.20 -17.62
CA THR B 133 -6.05 0.23 -16.93
C THR B 133 -5.92 0.76 -15.50
N TRP B 134 -4.92 0.24 -14.79
CA TRP B 134 -4.79 0.54 -13.35
C TRP B 134 -4.16 1.90 -13.13
N ILE B 135 -3.15 2.21 -13.95
CA ILE B 135 -2.52 3.53 -13.97
C ILE B 135 -3.54 4.63 -14.29
N SER B 136 -4.34 4.44 -15.33
CA SER B 136 -5.31 5.45 -15.75
C SER B 136 -6.35 5.66 -14.66
N ALA B 137 -6.85 4.57 -14.08
CA ALA B 137 -7.80 4.63 -12.97
C ALA B 137 -7.21 5.37 -11.77
N GLY B 138 -5.97 5.05 -11.41
CA GLY B 138 -5.28 5.70 -10.30
C GLY B 138 -4.96 7.16 -10.56
N PHE B 139 -4.47 7.46 -11.76
CA PHE B 139 -4.18 8.82 -12.18
C PHE B 139 -5.42 9.70 -12.32
N ASP B 140 -6.54 9.11 -12.79
CA ASP B 140 -7.84 9.80 -12.78
C ASP B 140 -8.13 10.39 -11.39
N ALA B 141 -8.02 9.55 -10.37
CA ALA B 141 -8.30 9.95 -8.99
C ALA B 141 -7.26 10.94 -8.46
N TYR B 142 -5.98 10.67 -8.75
CA TYR B 142 -4.86 11.53 -8.36
C TYR B 142 -5.03 12.92 -8.96
N GLU B 143 -5.21 12.98 -10.28
CA GLU B 143 -5.40 14.23 -11.01
C GLU B 143 -6.58 15.04 -10.45
N ALA B 144 -7.71 14.37 -10.22
CA ALA B 144 -8.89 15.01 -9.65
C ALA B 144 -8.60 15.64 -8.28
N LEU B 145 -7.74 15.00 -7.49
CA LEU B 145 -7.38 15.53 -6.17
C LEU B 145 -6.45 16.75 -6.27
N LEU B 146 -5.55 16.73 -7.24
CA LEU B 146 -4.68 17.89 -7.48
C LEU B 146 -5.49 19.11 -7.92
N ALA B 147 -6.55 18.86 -8.69
CA ALA B 147 -7.39 19.94 -9.24
C ALA B 147 -8.16 20.72 -8.18
N VAL B 148 -8.53 20.07 -7.10
CA VAL B 148 -9.41 20.68 -6.11
C VAL B 148 -8.66 21.29 -4.93
N ASP B 149 -7.33 21.20 -4.97
CA ASP B 149 -6.50 21.76 -3.91
C ASP B 149 -6.05 23.17 -4.31
N PRO B 150 -6.72 24.21 -3.78
CA PRO B 150 -6.48 25.59 -4.23
C PRO B 150 -5.15 26.18 -3.71
N LYS B 151 -4.69 25.69 -2.56
CA LYS B 151 -3.42 26.12 -1.96
C LYS B 151 -2.16 25.46 -2.56
N ARG B 152 -2.37 24.54 -3.51
CA ARG B 152 -1.28 23.76 -4.08
C ARG B 152 -0.36 24.58 -5.01
N GLY B 153 0.95 24.39 -4.86
CA GLY B 153 1.93 25.00 -5.75
C GLY B 153 2.39 24.10 -6.88
N ARG B 154 3.69 23.85 -6.94
CA ARG B 154 4.30 23.16 -8.09
C ARG B 154 4.22 21.65 -8.00
N TYR B 155 4.09 21.14 -6.78
CA TYR B 155 4.18 19.72 -6.51
C TYR B 155 2.82 19.18 -6.09
N SER B 156 2.78 17.95 -5.57
CA SER B 156 1.51 17.31 -5.24
C SER B 156 0.76 18.01 -4.10
N PHE B 157 1.51 18.57 -3.16
CA PHE B 157 0.94 19.21 -1.99
C PHE B 157 1.84 20.38 -1.60
N GLY B 158 1.27 21.57 -1.59
CA GLY B 158 2.04 22.79 -1.28
C GLY B 158 3.05 23.09 -2.36
N ASP B 159 4.18 23.68 -1.97
CA ASP B 159 5.22 24.08 -2.92
C ASP B 159 6.61 23.57 -2.51
N THR B 160 6.62 22.55 -1.67
CA THR B 160 7.82 21.75 -1.42
C THR B 160 7.53 20.28 -1.81
N PRO B 161 8.55 19.53 -2.22
CA PRO B 161 8.37 18.09 -2.49
C PRO B 161 8.03 17.28 -1.24
N THR B 162 7.06 16.38 -1.37
CA THR B 162 6.65 15.52 -0.27
C THR B 162 6.79 14.04 -0.64
N LEU B 163 6.47 13.18 0.34
CA LEU B 163 6.31 11.75 0.12
C LEU B 163 5.49 11.45 -1.13
N ALA B 164 4.38 12.15 -1.31
CA ALA B 164 3.49 11.90 -2.44
C ALA B 164 4.21 12.00 -3.78
N ASP B 165 5.09 13.01 -3.92
CA ASP B 165 5.91 13.18 -5.12
C ASP B 165 6.90 12.04 -5.31
N CYS B 166 7.43 11.52 -4.20
CA CYS B 166 8.29 10.35 -4.22
C CYS B 166 7.60 9.13 -4.81
N TYR B 167 6.30 8.99 -4.55
CA TYR B 167 5.53 7.87 -5.09
C TYR B 167 5.10 8.16 -6.52
N LEU B 168 4.73 9.41 -6.79
CA LEU B 168 4.14 9.80 -8.07
C LEU B 168 5.11 9.73 -9.25
N VAL B 169 6.31 10.27 -9.06
CA VAL B 169 7.32 10.37 -10.11
C VAL B 169 7.73 9.01 -10.74
N PRO B 170 8.07 8.01 -9.90
CA PRO B 170 8.32 6.65 -10.41
C PRO B 170 7.14 6.03 -11.17
N GLN B 171 5.93 6.34 -10.73
CA GLN B 171 4.72 5.82 -11.37
C GLN B 171 4.48 6.43 -12.75
N VAL B 172 4.78 7.73 -12.89
CA VAL B 172 4.70 8.45 -14.17
C VAL B 172 5.73 7.89 -15.15
N GLU B 173 6.92 7.56 -14.62
CA GLU B 173 7.97 6.94 -15.43
C GLU B 173 7.53 5.57 -15.93
N SER B 174 6.97 4.79 -15.01
CA SER B 174 6.40 3.48 -15.31
C SER B 174 5.30 3.58 -16.37
N ALA B 175 4.41 4.55 -16.19
CA ALA B 175 3.36 4.82 -17.18
C ALA B 175 3.93 5.04 -18.58
N ARG B 176 5.01 5.81 -18.69
CA ARG B 176 5.68 6.05 -19.97
C ARG B 176 6.33 4.77 -20.56
N ARG B 177 6.78 3.87 -19.68
CA ARG B 177 7.32 2.59 -20.11
C ARG B 177 6.23 1.66 -20.67
N PHE B 178 5.04 1.72 -20.07
CA PHE B 178 3.91 0.93 -20.55
C PHE B 178 3.05 1.67 -21.58
N GLN B 179 3.63 2.72 -22.16
CA GLN B 179 3.00 3.53 -23.21
C GLN B 179 1.64 4.10 -22.82
N VAL B 180 1.47 4.44 -21.55
CA VAL B 180 0.22 5.03 -21.10
C VAL B 180 0.17 6.48 -21.57
N ASP B 181 -0.89 6.80 -22.29
CA ASP B 181 -1.15 8.14 -22.78
C ASP B 181 -1.49 9.09 -21.62
N LEU B 182 -0.62 10.07 -21.39
CA LEU B 182 -0.77 10.94 -20.22
C LEU B 182 -1.37 12.31 -20.52
N THR B 183 -1.80 12.52 -21.77
CA THR B 183 -2.53 13.72 -22.17
C THR B 183 -3.63 14.12 -21.17
N PRO B 184 -4.49 13.16 -20.74
CA PRO B 184 -5.57 13.52 -19.81
C PRO B 184 -5.11 14.02 -18.43
N TYR B 185 -3.80 14.04 -18.16
CA TYR B 185 -3.30 14.40 -16.82
C TYR B 185 -2.28 15.55 -16.84
N PRO B 186 -2.71 16.75 -17.29
CA PRO B 186 -1.81 17.91 -17.28
C PRO B 186 -1.20 18.20 -15.91
N LEU B 187 -1.98 18.08 -14.85
CA LEU B 187 -1.51 18.47 -13.51
C LEU B 187 -0.43 17.53 -12.96
N ILE B 188 -0.64 16.23 -13.13
CA ILE B 188 0.35 15.22 -12.79
C ILE B 188 1.63 15.44 -13.61
N ARG B 189 1.47 15.76 -14.90
CA ARG B 189 2.61 15.96 -15.79
C ARG B 189 3.42 17.20 -15.39
N ALA B 190 2.73 18.26 -14.93
CA ALA B 190 3.37 19.47 -14.42
C ALA B 190 4.12 19.23 -13.10
N VAL B 191 3.52 18.44 -12.20
CA VAL B 191 4.19 18.02 -10.97
C VAL B 191 5.45 17.23 -11.31
N ASP B 192 5.33 16.27 -12.22
CA ASP B 192 6.45 15.43 -12.63
C ASP B 192 7.60 16.24 -13.23
N ALA B 193 7.27 17.23 -14.08
CA ALA B 193 8.27 18.07 -14.72
C ALA B 193 8.97 18.99 -13.71
N ALA B 194 8.19 19.55 -12.78
CA ALA B 194 8.75 20.38 -11.71
C ALA B 194 9.69 19.56 -10.80
N CYS B 195 9.30 18.32 -10.53
CA CYS B 195 10.14 17.42 -9.75
C CYS B 195 11.40 17.10 -10.52
N GLY B 196 11.26 16.92 -11.82
CA GLY B 196 12.38 16.58 -12.69
C GLY B 196 13.50 17.62 -12.77
N GLU B 197 13.20 18.82 -12.25
CA GLU B 197 14.15 19.93 -12.21
C GLU B 197 15.09 19.84 -11.01
N LEU B 198 14.74 18.99 -10.05
CA LEU B 198 15.45 18.88 -8.78
C LEU B 198 16.51 17.79 -8.81
N ASP B 199 17.68 18.13 -8.27
CA ASP B 199 18.82 17.22 -8.24
C ASP B 199 18.52 15.87 -7.59
N ALA B 200 17.83 15.91 -6.44
CA ALA B 200 17.45 14.68 -5.72
C ALA B 200 16.67 13.70 -6.60
N PHE B 201 15.73 14.22 -7.39
CA PHE B 201 14.96 13.41 -8.35
C PHE B 201 15.82 12.93 -9.52
N ARG B 202 16.63 13.84 -10.08
CA ARG B 202 17.48 13.56 -11.23
C ARG B 202 18.45 12.41 -10.97
N ARG B 203 19.05 12.43 -9.77
CA ARG B 203 20.05 11.43 -9.40
C ARG B 203 19.40 10.08 -9.15
N ALA B 204 18.11 10.10 -8.82
CA ALA B 204 17.37 8.91 -8.44
C ALA B 204 16.78 8.18 -9.65
N ALA B 205 16.55 8.90 -10.74
CA ALA B 205 15.96 8.33 -11.97
C ALA B 205 16.66 7.04 -12.44
N PRO B 206 15.87 6.05 -12.92
CA PRO B 206 16.40 4.76 -13.34
C PRO B 206 17.59 4.83 -14.29
N ALA B 207 17.54 5.72 -15.28
CA ALA B 207 18.61 5.85 -16.29
C ALA B 207 19.93 6.38 -15.73
N ALA B 208 19.89 7.03 -14.57
CA ALA B 208 21.10 7.50 -13.91
C ALA B 208 21.77 6.44 -13.03
N GLN B 209 21.20 5.23 -12.99
CA GLN B 209 21.67 4.21 -12.05
C GLN B 209 22.84 3.35 -12.57
N PRO B 210 23.71 2.87 -11.66
CA PRO B 210 24.87 2.04 -12.05
C PRO B 210 24.51 0.83 -12.91
N ASP B 211 23.35 0.22 -12.65
CA ASP B 211 22.93 -0.98 -13.37
C ASP B 211 22.03 -0.69 -14.57
N SER B 212 21.99 0.58 -15.00
CA SER B 212 21.22 0.98 -16.19
C SER B 212 21.80 0.45 -17.50
N ALA B 213 20.90 0.21 -18.48
CA ALA B 213 21.25 -0.44 -19.75
C ALA B 213 22.27 0.32 -20.60
N1 GSH C . -5.90 1.59 -0.86
CA1 GSH C . -7.35 1.63 -0.74
C1 GSH C . -7.73 1.76 0.71
O11 GSH C . -7.14 1.03 1.51
O12 GSH C . -8.60 2.60 1.05
CB1 GSH C . -7.94 0.34 -1.33
CG1 GSH C . -9.47 0.41 -1.34
CD1 GSH C . -10.08 -0.75 -2.08
OE1 GSH C . -9.46 -1.29 -2.99
N2 GSH C . -11.30 -1.11 -1.70
CA2 GSH C . -12.06 -2.20 -2.31
C2 GSH C . -13.08 -1.70 -3.30
O2 GSH C . -13.70 -0.67 -3.11
CB2 GSH C . -12.77 -3.00 -1.22
SG2 GSH C . -11.64 -3.99 -0.19
N3 GSH C . -13.28 -2.44 -4.38
CA3 GSH C . -14.25 -2.06 -5.39
C3 GSH C . -13.84 -2.55 -6.75
O31 GSH C . -12.80 -3.25 -6.86
O32 GSH C . -14.55 -2.25 -7.73
N1 GSH D . 5.51 -2.95 -0.96
CA1 GSH D . 6.83 -3.27 -1.44
C1 GSH D . 7.72 -2.07 -1.27
O11 GSH D . 7.27 -0.99 -1.66
O12 GSH D . 8.88 -2.20 -0.79
CB1 GSH D . 6.72 -3.67 -2.90
CG1 GSH D . 8.03 -4.22 -3.42
CD1 GSH D . 7.87 -4.68 -4.85
OE1 GSH D . 6.81 -5.12 -5.25
N2 GSH D . 8.96 -4.56 -5.60
CA2 GSH D . 9.06 -4.97 -6.99
C2 GSH D . 9.69 -6.34 -7.09
O2 GSH D . 10.57 -6.69 -6.32
CB2 GSH D . 9.89 -3.97 -7.78
SG2 GSH D . 9.04 -2.41 -8.14
N3 GSH D . 9.23 -7.14 -8.06
CA3 GSH D . 9.79 -8.46 -8.23
C3 GSH D . 8.80 -9.47 -8.75
O31 GSH D . 7.66 -9.07 -9.09
O32 GSH D . 9.15 -10.67 -8.82
#